data_7ECA
#
_entry.id   7ECA
#
_cell.length_a   102.814
_cell.length_b   102.814
_cell.length_c   54.812
_cell.angle_alpha   90.000
_cell.angle_beta   90.000
_cell.angle_gamma   120.000
#
_symmetry.space_group_name_H-M   'P 61'
#
loop_
_entity.id
_entity.type
_entity.pdbx_description
1 polymer 'Kelch-like ECH-associated protein 1'
2 polymer LEU-ASP-GLU-GLU-THR-GLY-GLU-PHE-LEU-PRO
3 non-polymer 'SULFATE ION'
4 water water
#
loop_
_entity_poly.entity_id
_entity_poly.type
_entity_poly.pdbx_seq_one_letter_code
_entity_poly.pdbx_strand_id
1 'polypeptide(L)'
;MGHHHHHHENLYFQGHMTLHKPTQAVPCRAPKVGRLIYTAGGYFRQSLSYLEAYNPSNGSWLRLADLQVPRSGLAGCVVG
GLLYAVGGRNNSPDGNTDSSALDCYNPMTNQWSPCASMSVPRNRIGVGVIDGHIYAVGGSHGCIHHSSVERYEPERDEWH
LVAPMLTRRIGVGVAVLNRLLYAVGGFDGTNRLNSAECYYPERNEWRMITPMNTIRSGAGVCVLHNCIYAAGGYDGQDQL
NSVERYDVETETWTFVAPMRHHRSALGITVHQGKIYVLGGYDGHTFLDSVECYDPDSDTWSEVTRMTSGRSGVGVAVTME
PCRKQIDQQNCTC
;
A
2 'polypeptide(L)' EQEKAFFAQFQLDEETGEFLPIQPA B
#
# COMPACT_ATOMS: atom_id res chain seq x y z
N VAL A 33 3.87 10.11 22.08
CA VAL A 33 3.25 10.91 21.05
C VAL A 33 1.89 10.31 20.66
N GLY A 34 1.74 9.01 20.91
CA GLY A 34 0.45 8.35 20.77
C GLY A 34 -0.08 8.21 19.36
N ARG A 35 0.71 7.58 18.48
CA ARG A 35 0.27 7.25 17.13
C ARG A 35 0.02 5.74 17.01
N LEU A 36 -0.94 5.37 16.18
CA LEU A 36 -1.30 3.98 15.97
C LEU A 36 -1.05 3.58 14.53
N ILE A 37 -0.87 2.28 14.32
CA ILE A 37 -0.80 1.70 12.98
C ILE A 37 -2.21 1.25 12.60
N TYR A 38 -2.85 1.99 11.69
CA TYR A 38 -4.19 1.66 11.23
C TYR A 38 -4.12 0.71 10.05
N THR A 39 -5.00 -0.29 10.05
CA THR A 39 -5.18 -1.16 8.91
C THR A 39 -6.64 -1.14 8.52
N ALA A 40 -6.91 -0.87 7.24
CA ALA A 40 -8.26 -0.68 6.73
C ALA A 40 -8.53 -1.69 5.63
N GLY A 41 -9.68 -2.36 5.71
CA GLY A 41 -10.08 -3.26 4.65
C GLY A 41 -9.27 -4.55 4.63
N GLY A 42 -9.07 -5.07 3.43
CA GLY A 42 -8.37 -6.33 3.25
C GLY A 42 -9.31 -7.40 2.70
N TYR A 43 -8.75 -8.60 2.55
CA TYR A 43 -9.46 -9.70 1.94
C TYR A 43 -9.20 -10.99 2.70
N PHE A 44 -10.27 -11.70 3.03
CA PHE A 44 -10.19 -13.10 3.46
C PHE A 44 -11.52 -13.74 3.11
N ARG A 45 -11.51 -14.62 2.11
CA ARG A 45 -12.71 -15.19 1.49
C ARG A 45 -13.49 -14.13 0.73
N GLN A 46 -13.64 -12.94 1.32
CA GLN A 46 -14.25 -11.80 0.63
C GLN A 46 -13.58 -10.53 1.11
N SER A 47 -13.85 -9.44 0.40
CA SER A 47 -13.35 -8.13 0.81
C SER A 47 -13.98 -7.73 2.14
N LEU A 48 -13.20 -7.01 2.95
CA LEU A 48 -13.56 -6.73 4.34
C LEU A 48 -13.67 -5.23 4.57
N SER A 49 -14.45 -4.87 5.59
CA SER A 49 -14.65 -3.47 5.97
C SER A 49 -14.02 -3.15 7.32
N TYR A 50 -13.17 -4.02 7.85
CA TYR A 50 -12.56 -3.77 9.16
C TYR A 50 -11.67 -2.53 9.12
N LEU A 51 -11.74 -1.76 10.20
CA LEU A 51 -10.72 -0.76 10.53
C LEU A 51 -10.20 -1.10 11.92
N GLU A 52 -8.97 -1.58 11.99
CA GLU A 52 -8.33 -1.91 13.25
C GLU A 52 -7.02 -1.14 13.36
N ALA A 53 -6.66 -0.77 14.59
CA ALA A 53 -5.47 0.02 14.85
C ALA A 53 -4.62 -0.69 15.89
N TYR A 54 -3.31 -0.79 15.62
CA TYR A 54 -2.37 -1.44 16.51
C TYR A 54 -1.53 -0.38 17.22
N ASN A 55 -1.36 -0.54 18.54
CA ASN A 55 -0.54 0.36 19.33
C ASN A 55 0.78 -0.31 19.64
N PRO A 56 1.89 0.11 19.04
CA PRO A 56 3.19 -0.52 19.37
C PRO A 56 3.65 -0.25 20.79
N SER A 57 3.14 0.80 21.44
CA SER A 57 3.57 1.12 22.80
C SER A 57 3.14 0.04 23.79
N ASN A 58 1.91 -0.48 23.65
CA ASN A 58 1.39 -1.49 24.56
C ASN A 58 0.95 -2.77 23.86
N GLY A 59 1.12 -2.88 22.55
CA GLY A 59 0.77 -4.09 21.85
C GLY A 59 -0.72 -4.35 21.70
N SER A 60 -1.56 -3.35 21.92
CA SER A 60 -3.00 -3.54 21.89
C SER A 60 -3.56 -3.27 20.49
N TRP A 61 -4.68 -3.92 20.20
CA TRP A 61 -5.42 -3.73 18.96
C TRP A 61 -6.80 -3.15 19.29
N LEU A 62 -7.26 -2.22 18.47
CA LEU A 62 -8.58 -1.62 18.62
C LEU A 62 -9.35 -1.78 17.32
N ARG A 63 -10.58 -2.29 17.40
CA ARG A 63 -11.48 -2.30 16.25
C ARG A 63 -12.30 -1.01 16.27
N LEU A 64 -12.20 -0.25 15.18
CA LEU A 64 -12.86 1.04 15.07
C LEU A 64 -14.01 0.96 14.05
N ALA A 65 -14.49 2.12 13.61
CA ALA A 65 -15.64 2.18 12.72
C ALA A 65 -15.34 1.49 11.40
N ASP A 66 -16.24 0.59 11.00
CA ASP A 66 -16.09 -0.12 9.73
C ASP A 66 -16.08 0.85 8.56
N LEU A 67 -15.41 0.45 7.49
CA LEU A 67 -15.58 1.15 6.21
C LEU A 67 -17.03 1.02 5.76
N GLN A 68 -17.52 2.05 5.05
CA GLN A 68 -18.89 1.99 4.57
C GLN A 68 -19.04 0.94 3.47
N VAL A 69 -17.99 0.70 2.69
CA VAL A 69 -17.98 -0.34 1.67
C VAL A 69 -16.77 -1.23 1.89
N PRO A 70 -16.93 -2.56 1.92
CA PRO A 70 -15.76 -3.44 2.03
C PRO A 70 -14.84 -3.28 0.82
N ARG A 71 -13.54 -3.17 1.08
CA ARG A 71 -12.57 -2.95 0.02
C ARG A 71 -11.29 -3.71 0.32
N SER A 72 -10.76 -4.41 -0.68
CA SER A 72 -9.41 -4.94 -0.66
C SER A 72 -8.63 -4.32 -1.81
N GLY A 73 -7.31 -4.47 -1.76
CA GLY A 73 -6.46 -3.83 -2.76
C GLY A 73 -6.48 -2.33 -2.71
N LEU A 74 -6.91 -1.75 -1.60
CA LEU A 74 -6.94 -0.31 -1.41
C LEU A 74 -5.61 0.17 -0.85
N ALA A 75 -5.50 1.49 -0.69
CA ALA A 75 -4.32 2.10 -0.08
C ALA A 75 -4.77 3.08 0.99
N GLY A 76 -3.96 3.18 2.04
CA GLY A 76 -4.19 4.13 3.12
C GLY A 76 -3.11 5.19 3.14
N CYS A 77 -3.48 6.39 3.60
CA CYS A 77 -2.52 7.47 3.77
C CYS A 77 -3.13 8.47 4.74
N VAL A 78 -2.30 9.41 5.19
CA VAL A 78 -2.69 10.38 6.21
C VAL A 78 -2.29 11.78 5.74
N VAL A 79 -3.25 12.71 5.80
CA VAL A 79 -3.01 14.12 5.53
C VAL A 79 -3.73 14.93 6.60
N GLY A 80 -3.00 15.83 7.26
CA GLY A 80 -3.60 16.66 8.29
C GLY A 80 -4.18 15.89 9.45
N GLY A 81 -3.58 14.76 9.79
CA GLY A 81 -4.08 13.94 10.88
C GLY A 81 -5.29 13.09 10.54
N LEU A 82 -5.80 13.18 9.32
CA LEU A 82 -6.94 12.38 8.89
C LEU A 82 -6.47 11.19 8.07
N LEU A 83 -7.12 10.05 8.30
CA LEU A 83 -6.81 8.83 7.55
C LEU A 83 -7.67 8.76 6.30
N TYR A 84 -7.05 8.35 5.19
CA TYR A 84 -7.72 8.26 3.90
C TYR A 84 -7.63 6.83 3.38
N ALA A 85 -8.75 6.30 2.90
CA ALA A 85 -8.80 5.02 2.21
C ALA A 85 -9.08 5.29 0.74
N VAL A 86 -8.21 4.80 -0.14
CA VAL A 86 -8.21 5.18 -1.55
C VAL A 86 -8.36 3.93 -2.41
N GLY A 87 -9.38 3.93 -3.26
CA GLY A 87 -9.53 2.92 -4.29
C GLY A 87 -9.75 1.53 -3.73
N GLY A 88 -9.31 0.53 -4.48
CA GLY A 88 -9.49 -0.85 -4.10
C GLY A 88 -10.57 -1.54 -4.90
N ARG A 89 -11.20 -2.56 -4.31
CA ARG A 89 -12.24 -3.34 -4.98
C ARG A 89 -13.05 -4.05 -3.91
N ASN A 90 -14.36 -4.17 -4.15
CA ASN A 90 -15.24 -4.96 -3.28
C ASN A 90 -15.42 -6.33 -3.95
N ASN A 91 -14.55 -7.27 -3.58
CA ASN A 91 -14.67 -8.65 -4.04
C ASN A 91 -15.62 -9.36 -3.09
N SER A 92 -16.91 -9.34 -3.41
CA SER A 92 -17.98 -9.90 -2.60
C SER A 92 -18.49 -11.20 -3.21
N PRO A 93 -19.30 -11.97 -2.46
CA PRO A 93 -19.88 -13.17 -3.06
C PRO A 93 -20.69 -12.90 -4.32
N ASP A 94 -21.36 -11.76 -4.40
CA ASP A 94 -22.22 -11.44 -5.53
C ASP A 94 -21.60 -10.44 -6.50
N GLY A 95 -20.44 -9.88 -6.20
CA GLY A 95 -19.93 -8.81 -7.05
C GLY A 95 -18.43 -8.68 -7.01
N ASN A 96 -17.91 -7.97 -8.02
CA ASN A 96 -16.48 -7.63 -8.16
C ASN A 96 -16.44 -6.20 -8.69
N THR A 97 -16.55 -5.23 -7.78
CA THR A 97 -16.68 -3.82 -8.14
C THR A 97 -15.40 -3.09 -7.79
N ASP A 98 -14.68 -2.60 -8.81
CA ASP A 98 -13.54 -1.75 -8.58
C ASP A 98 -13.99 -0.39 -8.07
N SER A 99 -13.18 0.21 -7.20
CA SER A 99 -13.57 1.42 -6.49
C SER A 99 -12.77 2.63 -6.98
N SER A 100 -13.47 3.73 -7.21
CA SER A 100 -12.86 5.04 -7.40
C SER A 100 -13.02 5.91 -6.16
N ALA A 101 -13.40 5.31 -5.03
CA ALA A 101 -13.79 6.07 -3.85
C ALA A 101 -12.58 6.60 -3.11
N LEU A 102 -12.77 7.75 -2.47
CA LEU A 102 -11.83 8.30 -1.50
C LEU A 102 -12.63 8.62 -0.24
N ASP A 103 -12.33 7.92 0.85
CA ASP A 103 -13.05 8.09 2.10
C ASP A 103 -12.09 8.52 3.19
N CYS A 104 -12.58 9.36 4.10
CA CYS A 104 -11.75 10.01 5.10
C CYS A 104 -12.24 9.64 6.49
N TYR A 105 -11.36 9.03 7.28
CA TYR A 105 -11.66 8.67 8.67
C TYR A 105 -11.07 9.71 9.59
N ASN A 106 -11.86 10.16 10.56
CA ASN A 106 -11.42 11.14 11.54
C ASN A 106 -11.27 10.46 12.90
N PRO A 107 -10.07 10.35 13.44
CA PRO A 107 -9.91 9.67 14.75
C PRO A 107 -10.63 10.38 15.88
N MET A 108 -10.80 11.70 15.79
CA MET A 108 -11.49 12.43 16.85
C MET A 108 -12.95 12.00 16.96
N THR A 109 -13.59 11.74 15.82
CA THR A 109 -15.01 11.41 15.79
C THR A 109 -15.27 9.92 15.56
N ASN A 110 -14.26 9.15 15.14
CA ASN A 110 -14.43 7.74 14.82
C ASN A 110 -15.50 7.53 13.75
N GLN A 111 -15.51 8.40 12.74
CA GLN A 111 -16.50 8.33 11.68
C GLN A 111 -15.82 8.44 10.31
N TRP A 112 -16.41 7.76 9.34
CA TRP A 112 -15.96 7.84 7.95
C TRP A 112 -16.84 8.84 7.20
N SER A 113 -16.20 9.71 6.42
CA SER A 113 -16.92 10.66 5.58
C SER A 113 -16.41 10.51 4.14
N PRO A 114 -17.31 10.41 3.17
CA PRO A 114 -16.86 10.32 1.77
C PRO A 114 -16.25 11.62 1.29
N CYS A 115 -15.34 11.49 0.34
CA CYS A 115 -14.73 12.62 -0.36
C CYS A 115 -15.02 12.49 -1.86
N ALA A 116 -14.56 13.48 -2.62
CA ALA A 116 -14.70 13.42 -4.06
C ALA A 116 -14.02 12.19 -4.62
N SER A 117 -14.68 11.53 -5.57
CA SER A 117 -14.18 10.29 -6.13
C SER A 117 -13.12 10.55 -7.19
N MET A 118 -12.24 9.57 -7.38
CA MET A 118 -11.23 9.65 -8.42
C MET A 118 -11.88 9.60 -9.80
N SER A 119 -11.09 9.91 -10.83
CA SER A 119 -11.60 9.90 -12.19
C SER A 119 -11.91 8.50 -12.69
N VAL A 120 -11.36 7.47 -12.05
CA VAL A 120 -11.44 6.11 -12.57
C VAL A 120 -11.33 5.15 -11.39
N PRO A 121 -11.97 3.98 -11.44
CA PRO A 121 -11.70 2.96 -10.41
C PRO A 121 -10.25 2.47 -10.51
N ARG A 122 -9.68 2.16 -9.34
CA ARG A 122 -8.28 1.74 -9.24
C ARG A 122 -8.18 0.65 -8.18
N ASN A 123 -8.16 -0.61 -8.63
CA ASN A 123 -7.90 -1.73 -7.73
C ASN A 123 -6.42 -2.03 -7.70
N ARG A 124 -5.92 -2.40 -6.51
CA ARG A 124 -4.48 -2.63 -6.30
C ARG A 124 -3.69 -1.37 -6.64
N ILE A 125 -4.11 -0.28 -6.01
CA ILE A 125 -3.60 1.06 -6.27
C ILE A 125 -2.32 1.29 -5.47
N GLY A 126 -1.57 2.31 -5.87
CA GLY A 126 -0.49 2.84 -5.07
C GLY A 126 -0.74 4.30 -4.76
N VAL A 127 -0.35 4.72 -3.56
CA VAL A 127 -0.67 6.04 -3.06
C VAL A 127 0.54 6.66 -2.36
N GLY A 128 0.78 7.95 -2.63
CA GLY A 128 1.78 8.70 -1.91
C GLY A 128 1.29 10.10 -1.65
N VAL A 129 1.86 10.73 -0.62
CA VAL A 129 1.50 12.08 -0.20
C VAL A 129 2.70 13.00 -0.41
N ILE A 130 2.48 14.09 -1.13
CA ILE A 130 3.50 15.13 -1.31
C ILE A 130 2.85 16.47 -0.94
N ASP A 131 3.36 17.10 0.12
CA ASP A 131 2.95 18.45 0.51
C ASP A 131 1.43 18.53 0.71
N GLY A 132 0.90 17.57 1.47
CA GLY A 132 -0.52 17.54 1.75
C GLY A 132 -1.41 17.12 0.61
N HIS A 133 -0.85 16.66 -0.50
CA HIS A 133 -1.61 16.26 -1.67
C HIS A 133 -1.47 14.75 -1.89
N ILE A 134 -2.57 14.10 -2.21
CA ILE A 134 -2.63 12.65 -2.34
C ILE A 134 -2.49 12.28 -3.81
N TYR A 135 -1.50 11.46 -4.13
CA TYR A 135 -1.29 10.96 -5.48
C TYR A 135 -1.78 9.52 -5.57
N ALA A 136 -2.70 9.27 -6.48
CA ALA A 136 -3.21 7.93 -6.74
C ALA A 136 -2.59 7.39 -8.02
N VAL A 137 -1.98 6.21 -7.92
CA VAL A 137 -1.06 5.73 -8.95
C VAL A 137 -1.54 4.37 -9.44
N GLY A 138 -1.75 4.26 -10.75
CA GLY A 138 -1.94 2.96 -11.37
C GLY A 138 -3.21 2.28 -10.91
N GLY A 139 -3.11 0.97 -10.67
CA GLY A 139 -4.26 0.17 -10.32
C GLY A 139 -4.99 -0.34 -11.55
N SER A 140 -5.96 -1.22 -11.31
CA SER A 140 -6.68 -1.87 -12.38
C SER A 140 -8.16 -1.50 -12.35
N HIS A 141 -8.78 -1.57 -13.53
CA HIS A 141 -10.22 -1.39 -13.68
C HIS A 141 -10.68 -2.46 -14.66
N GLY A 142 -11.31 -3.52 -14.14
CA GLY A 142 -11.60 -4.66 -14.98
C GLY A 142 -10.30 -5.26 -15.49
N CYS A 143 -10.21 -5.45 -16.80
CA CYS A 143 -9.00 -5.97 -17.42
C CYS A 143 -8.06 -4.86 -17.89
N ILE A 144 -8.35 -3.60 -17.54
CA ILE A 144 -7.50 -2.47 -17.92
C ILE A 144 -6.47 -2.24 -16.83
N HIS A 145 -5.22 -1.98 -17.24
CA HIS A 145 -4.12 -1.71 -16.31
C HIS A 145 -3.68 -0.28 -16.49
N HIS A 146 -3.86 0.53 -15.45
CA HIS A 146 -3.66 1.97 -15.55
C HIS A 146 -2.18 2.33 -15.55
N SER A 147 -1.82 3.27 -16.42
CA SER A 147 -0.62 4.08 -16.23
C SER A 147 -0.96 5.45 -15.66
N SER A 148 -2.25 5.79 -15.59
CA SER A 148 -2.67 7.14 -15.23
C SER A 148 -2.44 7.42 -13.75
N VAL A 149 -2.30 8.71 -13.44
CA VAL A 149 -2.02 9.20 -12.09
C VAL A 149 -2.86 10.45 -11.87
N GLU A 150 -3.41 10.61 -10.67
CA GLU A 150 -4.17 11.80 -10.35
C GLU A 150 -3.87 12.25 -8.92
N ARG A 151 -4.11 13.54 -8.68
CA ARG A 151 -3.66 14.22 -7.49
C ARG A 151 -4.84 14.85 -6.77
N TYR A 152 -4.96 14.60 -5.47
CA TYR A 152 -6.08 15.05 -4.66
C TYR A 152 -5.72 16.29 -3.86
N GLU A 153 -6.64 17.25 -3.83
CA GLU A 153 -6.47 18.49 -3.07
C GLU A 153 -7.48 18.49 -1.92
N PRO A 154 -7.05 18.21 -0.69
CA PRO A 154 -8.03 18.00 0.40
C PRO A 154 -8.96 19.17 0.66
N GLU A 155 -8.41 20.38 0.84
CA GLU A 155 -9.27 21.51 1.21
C GLU A 155 -10.18 21.93 0.05
N ARG A 156 -9.70 21.84 -1.18
CA ARG A 156 -10.56 22.07 -2.33
C ARG A 156 -11.43 20.86 -2.67
N ASP A 157 -11.13 19.69 -2.09
CA ASP A 157 -11.88 18.46 -2.35
C ASP A 157 -11.99 18.17 -3.85
N GLU A 158 -10.84 18.15 -4.51
CA GLU A 158 -10.79 18.00 -5.96
C GLU A 158 -9.70 17.01 -6.36
N TRP A 159 -10.01 16.19 -7.35
CA TRP A 159 -9.02 15.36 -8.02
C TRP A 159 -8.71 15.98 -9.37
N HIS A 160 -7.44 15.85 -9.78
CA HIS A 160 -7.02 16.26 -11.12
C HIS A 160 -5.98 15.27 -11.61
N LEU A 161 -6.06 14.91 -12.88
CA LEU A 161 -5.09 14.00 -13.47
C LEU A 161 -3.78 14.73 -13.74
N VAL A 162 -2.67 14.02 -13.53
CA VAL A 162 -1.35 14.55 -13.85
C VAL A 162 -0.74 13.65 -14.91
N ALA A 163 0.56 13.78 -15.14
CA ALA A 163 1.21 12.98 -16.17
C ALA A 163 1.13 11.49 -15.81
N PRO A 164 0.80 10.63 -16.78
CA PRO A 164 0.79 9.19 -16.50
C PRO A 164 2.19 8.62 -16.43
N MET A 165 2.31 7.51 -15.70
CA MET A 165 3.58 6.80 -15.61
C MET A 165 4.03 6.35 -16.99
N LEU A 166 5.32 6.02 -17.09
CA LEU A 166 5.85 5.46 -18.32
C LEU A 166 5.36 4.03 -18.55
N THR A 167 4.97 3.33 -17.50
CA THR A 167 4.53 1.94 -17.58
C THR A 167 3.19 1.80 -16.88
N ARG A 168 2.30 0.99 -17.44
CA ARG A 168 1.10 0.60 -16.74
C ARG A 168 1.47 -0.32 -15.57
N ARG A 169 0.90 -0.04 -14.39
CA ARG A 169 1.28 -0.75 -13.18
C ARG A 169 0.06 -0.95 -12.30
N ILE A 170 -0.26 -2.22 -12.02
CA ILE A 170 -1.19 -2.59 -10.96
C ILE A 170 -0.42 -3.41 -9.94
N GLY A 171 -0.92 -3.43 -8.70
CA GLY A 171 -0.13 -3.99 -7.62
C GLY A 171 1.20 -3.30 -7.45
N VAL A 172 1.23 -2.00 -7.71
CA VAL A 172 2.45 -1.21 -7.71
C VAL A 172 2.75 -0.76 -6.29
N GLY A 173 4.03 -0.75 -5.92
CA GLY A 173 4.45 -0.16 -4.68
C GLY A 173 4.79 1.31 -4.89
N VAL A 174 4.31 2.15 -3.98
CA VAL A 174 4.47 3.60 -4.10
C VAL A 174 4.92 4.16 -2.77
N ALA A 175 5.89 5.08 -2.82
CA ALA A 175 6.37 5.77 -1.64
C ALA A 175 6.90 7.12 -2.06
N VAL A 176 7.07 8.00 -1.07
CA VAL A 176 7.53 9.37 -1.29
C VAL A 176 8.79 9.60 -0.46
N LEU A 177 9.82 10.14 -1.09
CA LEU A 177 11.06 10.49 -0.41
C LEU A 177 11.56 11.80 -0.98
N ASN A 178 11.79 12.78 -0.09
CA ASN A 178 12.28 14.11 -0.48
C ASN A 178 11.37 14.73 -1.54
N ARG A 179 10.06 14.67 -1.27
CA ARG A 179 9.02 15.27 -2.11
C ARG A 179 9.11 14.78 -3.56
N LEU A 180 9.55 13.54 -3.76
CA LEU A 180 9.52 12.87 -5.05
C LEU A 180 8.75 11.57 -4.91
N LEU A 181 7.95 11.25 -5.93
CA LEU A 181 7.02 10.13 -5.88
C LEU A 181 7.59 8.96 -6.70
N TYR A 182 7.70 7.79 -6.07
CA TYR A 182 8.27 6.61 -6.70
C TYR A 182 7.20 5.54 -6.88
N ALA A 183 7.20 4.92 -8.07
CA ALA A 183 6.31 3.81 -8.40
C ALA A 183 7.18 2.61 -8.72
N VAL A 184 7.02 1.53 -7.95
CA VAL A 184 7.98 0.44 -7.90
C VAL A 184 7.28 -0.86 -8.25
N GLY A 185 7.75 -1.51 -9.32
CA GLY A 185 7.27 -2.84 -9.66
C GLY A 185 5.84 -2.86 -10.15
N GLY A 186 5.16 -3.97 -9.87
CA GLY A 186 3.78 -4.16 -10.28
C GLY A 186 3.64 -5.10 -11.46
N PHE A 187 2.51 -4.96 -12.14
CA PHE A 187 2.12 -5.83 -13.24
C PHE A 187 1.46 -4.99 -14.32
N ASP A 188 1.97 -5.07 -15.55
CA ASP A 188 1.49 -4.23 -16.64
C ASP A 188 0.40 -4.87 -17.49
N GLY A 189 -0.13 -6.01 -17.06
CA GLY A 189 -1.10 -6.74 -17.83
C GLY A 189 -0.51 -7.89 -18.63
N THR A 190 0.81 -7.92 -18.78
CA THR A 190 1.49 -9.00 -19.51
C THR A 190 2.60 -9.59 -18.65
N ASN A 191 3.40 -8.73 -18.03
CA ASN A 191 4.56 -9.15 -17.26
C ASN A 191 4.58 -8.47 -15.90
N ARG A 192 5.07 -9.21 -14.91
CA ARG A 192 5.44 -8.58 -13.65
C ARG A 192 6.75 -7.82 -13.84
N LEU A 193 6.96 -6.80 -13.02
CA LEU A 193 7.99 -5.80 -13.29
C LEU A 193 9.01 -5.73 -12.16
N ASN A 194 10.28 -5.59 -12.54
CA ASN A 194 11.31 -5.11 -11.63
C ASN A 194 11.64 -3.65 -11.87
N SER A 195 11.04 -3.04 -12.90
CA SER A 195 11.29 -1.65 -13.21
C SER A 195 10.67 -0.75 -12.15
N ALA A 196 11.16 0.49 -12.10
CA ALA A 196 10.64 1.51 -11.20
C ALA A 196 10.86 2.86 -11.84
N GLU A 197 10.02 3.83 -11.48
CA GLU A 197 10.13 5.17 -12.02
C GLU A 197 9.85 6.19 -10.92
N CYS A 198 10.24 7.43 -11.20
CA CYS A 198 10.13 8.52 -10.24
C CYS A 198 9.41 9.69 -10.90
N TYR A 199 8.51 10.31 -10.15
CA TYR A 199 7.73 11.44 -10.62
C TYR A 199 8.27 12.71 -10.00
N TYR A 200 8.60 13.68 -10.85
CA TYR A 200 9.17 14.95 -10.40
C TYR A 200 8.12 16.03 -10.53
N PRO A 201 7.47 16.42 -9.43
CA PRO A 201 6.23 17.22 -9.54
C PRO A 201 6.41 18.54 -10.27
N GLU A 202 7.51 19.25 -10.04
CA GLU A 202 7.68 20.57 -10.63
C GLU A 202 7.80 20.52 -12.15
N ARG A 203 8.07 19.35 -12.72
CA ARG A 203 8.11 19.19 -14.17
C ARG A 203 7.01 18.30 -14.70
N ASN A 204 6.15 17.75 -13.83
CA ASN A 204 5.05 16.86 -14.21
C ASN A 204 5.54 15.78 -15.18
N GLU A 205 6.57 15.07 -14.74
CA GLU A 205 7.31 14.17 -15.61
C GLU A 205 7.75 12.94 -14.83
N TRP A 206 7.71 11.79 -15.49
CA TRP A 206 8.17 10.53 -14.93
C TRP A 206 9.49 10.13 -15.58
N ARG A 207 10.41 9.59 -14.78
CA ARG A 207 11.68 9.08 -15.28
C ARG A 207 11.92 7.70 -14.66
N MET A 208 12.38 6.77 -15.49
CA MET A 208 12.80 5.48 -14.99
C MET A 208 13.98 5.66 -14.03
N ILE A 209 14.02 4.82 -13.00
CA ILE A 209 15.21 4.73 -12.15
C ILE A 209 15.80 3.34 -12.29
N THR A 210 16.84 3.05 -11.51
CA THR A 210 17.44 1.73 -11.55
C THR A 210 16.39 0.66 -11.25
N PRO A 211 16.30 -0.39 -12.07
CA PRO A 211 15.35 -1.46 -11.77
C PRO A 211 15.79 -2.26 -10.57
N MET A 212 14.81 -2.87 -9.90
CA MET A 212 15.09 -3.73 -8.76
C MET A 212 15.88 -4.97 -9.22
N ASN A 213 16.51 -5.63 -8.25
CA ASN A 213 17.15 -6.91 -8.52
C ASN A 213 16.15 -8.02 -8.72
N THR A 214 14.95 -7.89 -8.17
CA THR A 214 13.93 -8.93 -8.21
C THR A 214 12.64 -8.38 -8.80
N ILE A 215 12.04 -9.17 -9.70
CA ILE A 215 10.71 -8.86 -10.20
C ILE A 215 9.71 -8.95 -9.06
N ARG A 216 8.90 -7.91 -8.89
CA ARG A 216 8.02 -7.80 -7.73
C ARG A 216 6.69 -7.16 -8.12
N SER A 217 5.61 -7.90 -7.94
CA SER A 217 4.26 -7.36 -7.98
C SER A 217 3.58 -7.67 -6.65
N GLY A 218 2.82 -6.71 -6.15
CA GLY A 218 2.19 -6.88 -4.86
C GLY A 218 3.13 -6.78 -3.68
N ALA A 219 4.25 -6.10 -3.84
CA ALA A 219 5.18 -5.90 -2.74
C ALA A 219 4.73 -4.75 -1.85
N GLY A 220 5.28 -4.70 -0.63
CA GLY A 220 5.12 -3.55 0.23
C GLY A 220 6.29 -2.61 0.01
N VAL A 221 5.97 -1.35 -0.31
CA VAL A 221 6.98 -0.34 -0.61
C VAL A 221 6.79 0.83 0.34
N CYS A 222 7.86 1.21 1.02
CA CYS A 222 7.83 2.30 1.98
C CYS A 222 9.18 3.00 1.93
N VAL A 223 9.30 4.07 2.72
CA VAL A 223 10.54 4.85 2.82
C VAL A 223 10.99 4.84 4.28
N LEU A 224 12.26 4.50 4.50
CA LEU A 224 12.86 4.56 5.82
C LEU A 224 14.22 5.22 5.68
N HIS A 225 14.41 6.33 6.40
CA HIS A 225 15.62 7.15 6.32
C HIS A 225 15.73 7.68 4.90
N ASN A 226 16.81 7.40 4.16
CA ASN A 226 16.98 7.93 2.81
C ASN A 226 16.78 6.85 1.75
N CYS A 227 16.04 5.79 2.06
CA CYS A 227 15.94 4.65 1.17
C CYS A 227 14.49 4.24 0.95
N ILE A 228 14.22 3.74 -0.25
CA ILE A 228 12.93 3.15 -0.59
C ILE A 228 13.06 1.65 -0.44
N TYR A 229 12.25 1.06 0.42
CA TYR A 229 12.27 -0.38 0.66
C TYR A 229 11.19 -1.06 -0.16
N ALA A 230 11.54 -2.22 -0.74
CA ALA A 230 10.58 -3.08 -1.43
C ALA A 230 10.62 -4.44 -0.75
N ALA A 231 9.54 -4.79 -0.04
CA ALA A 231 9.48 -5.99 0.77
C ALA A 231 8.48 -6.97 0.17
N GLY A 232 8.93 -8.21 -0.05
CA GLY A 232 8.03 -9.27 -0.48
C GLY A 232 7.52 -9.08 -1.90
N GLY A 233 6.29 -9.52 -2.12
CA GLY A 233 5.70 -9.48 -3.44
C GLY A 233 5.70 -10.83 -4.11
N TYR A 234 5.44 -10.79 -5.41
CA TYR A 234 5.31 -11.98 -6.25
C TYR A 234 6.13 -11.78 -7.52
N ASP A 235 7.02 -12.73 -7.80
CA ASP A 235 7.93 -12.62 -8.94
C ASP A 235 7.44 -13.37 -10.16
N GLY A 236 6.20 -13.87 -10.15
CA GLY A 236 5.67 -14.69 -11.20
C GLY A 236 5.63 -16.17 -10.86
N GLN A 237 6.50 -16.62 -9.95
CA GLN A 237 6.56 -18.02 -9.56
C GLN A 237 6.25 -18.25 -8.10
N ASP A 238 6.82 -17.45 -7.20
CA ASP A 238 6.61 -17.64 -5.76
C ASP A 238 6.44 -16.31 -5.08
N GLN A 239 5.70 -16.32 -3.97
CA GLN A 239 5.71 -15.18 -3.06
C GLN A 239 7.10 -15.03 -2.47
N LEU A 240 7.51 -13.78 -2.25
CA LEU A 240 8.87 -13.47 -1.86
C LEU A 240 8.94 -13.07 -0.40
N ASN A 241 10.06 -13.40 0.25
CA ASN A 241 10.39 -12.84 1.55
C ASN A 241 11.61 -11.95 1.53
N SER A 242 12.30 -11.85 0.39
CA SER A 242 13.45 -10.97 0.27
C SER A 242 13.01 -9.50 0.31
N VAL A 243 13.95 -8.65 0.73
CA VAL A 243 13.72 -7.21 0.86
C VAL A 243 14.92 -6.49 0.29
N GLU A 244 14.69 -5.51 -0.58
CA GLU A 244 15.77 -4.68 -1.10
C GLU A 244 15.41 -3.20 -0.93
N ARG A 245 16.43 -2.37 -0.83
CA ARG A 245 16.24 -0.94 -0.61
C ARG A 245 17.04 -0.14 -1.63
N TYR A 246 16.48 0.99 -2.03
CA TYR A 246 17.04 1.85 -3.06
C TYR A 246 17.60 3.10 -2.39
N ASP A 247 18.90 3.33 -2.56
CA ASP A 247 19.54 4.56 -2.13
C ASP A 247 19.42 5.57 -3.26
N VAL A 248 18.64 6.64 -3.04
CA VAL A 248 18.36 7.57 -4.12
C VAL A 248 19.61 8.30 -4.58
N GLU A 249 20.61 8.43 -3.71
CA GLU A 249 21.86 9.08 -4.09
C GLU A 249 22.72 8.17 -4.97
N THR A 250 22.99 6.95 -4.50
CA THR A 250 23.82 6.02 -5.25
C THR A 250 23.07 5.34 -6.39
N GLU A 251 21.74 5.36 -6.36
CA GLU A 251 20.90 4.77 -7.40
C GLU A 251 21.13 3.27 -7.54
N THR A 252 21.31 2.59 -6.40
CA THR A 252 21.48 1.14 -6.38
C THR A 252 20.45 0.50 -5.47
N TRP A 253 20.07 -0.72 -5.81
CA TRP A 253 19.23 -1.55 -4.96
C TRP A 253 20.10 -2.57 -4.24
N THR A 254 19.91 -2.69 -2.93
CA THR A 254 20.69 -3.60 -2.10
C THR A 254 19.76 -4.45 -1.24
N PHE A 255 20.00 -5.76 -1.22
CA PHE A 255 19.22 -6.63 -0.36
C PHE A 255 19.58 -6.41 1.10
N VAL A 256 18.55 -6.36 1.95
CA VAL A 256 18.76 -6.37 3.39
C VAL A 256 18.35 -7.74 3.91
N ALA A 257 18.13 -7.85 5.22
CA ALA A 257 17.71 -9.12 5.78
C ALA A 257 16.30 -9.47 5.29
N PRO A 258 16.04 -10.73 4.94
CA PRO A 258 14.71 -11.11 4.48
C PRO A 258 13.72 -11.21 5.63
N MET A 259 12.45 -11.08 5.28
CA MET A 259 11.38 -11.27 6.25
C MET A 259 11.32 -12.74 6.66
N ARG A 260 10.66 -13.00 7.78
CA ARG A 260 10.52 -14.38 8.21
C ARG A 260 9.53 -15.12 7.34
N HIS A 261 8.50 -14.44 6.85
CA HIS A 261 7.45 -15.05 6.05
C HIS A 261 7.48 -14.49 4.63
N HIS A 262 7.42 -15.39 3.65
CA HIS A 262 7.10 -14.98 2.29
C HIS A 262 5.70 -14.38 2.27
N ARG A 263 5.53 -13.26 1.58
CA ARG A 263 4.21 -12.64 1.51
C ARG A 263 4.13 -11.67 0.34
N SER A 264 2.97 -11.67 -0.33
CA SER A 264 2.60 -10.64 -1.29
C SER A 264 1.24 -10.10 -0.91
N ALA A 265 0.91 -8.94 -1.50
CA ALA A 265 -0.29 -8.18 -1.12
C ALA A 265 -0.30 -7.89 0.38
N LEU A 266 0.85 -7.51 0.90
CA LEU A 266 1.02 -7.18 2.30
C LEU A 266 0.78 -5.69 2.54
N GLY A 267 0.40 -5.37 3.77
CA GLY A 267 0.39 -4.00 4.23
C GLY A 267 1.76 -3.61 4.76
N ILE A 268 2.11 -2.34 4.59
CA ILE A 268 3.42 -1.86 5.04
C ILE A 268 3.29 -0.41 5.47
N THR A 269 4.06 -0.04 6.49
CA THR A 269 4.17 1.34 6.93
C THR A 269 5.42 1.46 7.78
N VAL A 270 5.82 2.70 8.04
CA VAL A 270 6.98 3.01 8.87
C VAL A 270 6.50 3.74 10.10
N HIS A 271 7.02 3.35 11.26
CA HIS A 271 6.66 3.97 12.53
C HIS A 271 7.89 4.03 13.41
N GLN A 272 8.35 5.25 13.71
CA GLN A 272 9.48 5.49 14.60
C GLN A 272 10.71 4.70 14.17
N GLY A 273 11.08 4.85 12.91
CA GLY A 273 12.32 4.29 12.41
C GLY A 273 12.33 2.80 12.19
N LYS A 274 11.17 2.17 12.11
CA LYS A 274 11.08 0.73 11.85
C LYS A 274 9.99 0.48 10.82
N ILE A 275 10.19 -0.56 10.03
CA ILE A 275 9.19 -0.99 9.05
C ILE A 275 8.29 -2.03 9.70
N TYR A 276 6.99 -1.88 9.51
CA TYR A 276 6.01 -2.87 9.91
C TYR A 276 5.35 -3.42 8.66
N VAL A 277 5.34 -4.74 8.51
CA VAL A 277 4.61 -5.41 7.44
C VAL A 277 3.47 -6.22 8.08
N LEU A 278 2.30 -6.13 7.48
CA LEU A 278 1.08 -6.68 8.07
C LEU A 278 0.41 -7.62 7.06
N GLY A 279 0.24 -8.88 7.47
CA GLY A 279 -0.54 -9.82 6.69
C GLY A 279 0.06 -10.16 5.35
N GLY A 280 -0.81 -10.37 4.37
CA GLY A 280 -0.42 -10.80 3.05
C GLY A 280 -0.85 -12.24 2.78
N TYR A 281 -0.42 -12.72 1.62
CA TYR A 281 -0.70 -14.08 1.17
C TYR A 281 0.61 -14.77 0.83
N ASP A 282 0.85 -15.93 1.44
CA ASP A 282 2.10 -16.65 1.26
C ASP A 282 1.98 -17.82 0.28
N GLY A 283 0.85 -17.93 -0.42
CA GLY A 283 0.59 -19.07 -1.28
C GLY A 283 -0.12 -20.22 -0.62
N HIS A 284 -0.40 -20.12 0.68
CA HIS A 284 -1.02 -21.21 1.43
C HIS A 284 -2.17 -20.67 2.26
N THR A 285 -1.88 -19.70 3.13
CA THR A 285 -2.87 -19.08 3.99
C THR A 285 -2.75 -17.58 3.93
N PHE A 286 -3.75 -16.89 4.47
CA PHE A 286 -3.72 -15.45 4.63
C PHE A 286 -3.10 -15.14 5.99
N LEU A 287 -1.93 -14.52 5.98
CA LEU A 287 -1.16 -14.34 7.19
C LEU A 287 -1.80 -13.33 8.12
N ASP A 288 -1.65 -13.56 9.42
CA ASP A 288 -1.97 -12.57 10.43
C ASP A 288 -0.73 -12.02 11.12
N SER A 289 0.45 -12.52 10.77
CA SER A 289 1.68 -12.11 11.43
C SER A 289 2.04 -10.67 11.04
N VAL A 290 2.58 -9.94 12.01
CA VAL A 290 3.11 -8.60 11.78
C VAL A 290 4.59 -8.61 12.13
N GLU A 291 5.44 -8.39 11.13
CA GLU A 291 6.87 -8.36 11.31
C GLU A 291 7.38 -6.93 11.35
N CYS A 292 8.53 -6.74 11.99
CA CYS A 292 9.08 -5.42 12.25
C CYS A 292 10.56 -5.43 11.89
N TYR A 293 10.97 -4.52 11.01
CA TYR A 293 12.36 -4.42 10.57
C TYR A 293 13.07 -3.31 11.33
N ASP A 294 14.16 -3.66 11.99
CA ASP A 294 15.04 -2.70 12.65
C ASP A 294 16.26 -2.47 11.77
N PRO A 295 16.43 -1.29 11.19
CA PRO A 295 17.58 -1.07 10.30
C PRO A 295 18.91 -1.00 11.04
N ASP A 296 18.90 -0.63 12.33
CA ASP A 296 20.16 -0.56 13.09
C ASP A 296 20.79 -1.95 13.22
N SER A 297 19.96 -2.97 13.41
CA SER A 297 20.43 -4.34 13.56
C SER A 297 20.23 -5.18 12.31
N ASP A 298 19.50 -4.68 11.31
CA ASP A 298 19.21 -5.42 10.08
C ASP A 298 18.58 -6.78 10.40
N THR A 299 17.51 -6.73 11.20
CA THR A 299 16.81 -7.95 11.60
C THR A 299 15.30 -7.71 11.56
N TRP A 300 14.56 -8.79 11.31
CA TRP A 300 13.11 -8.81 11.40
C TRP A 300 12.69 -9.64 12.62
N SER A 301 11.63 -9.19 13.29
CA SER A 301 11.04 -9.93 14.41
C SER A 301 9.53 -9.75 14.38
N GLU A 302 8.80 -10.76 14.84
CA GLU A 302 7.34 -10.64 14.91
C GLU A 302 6.98 -9.92 16.19
N VAL A 303 6.16 -8.88 16.07
CA VAL A 303 5.79 -8.06 17.21
C VAL A 303 4.36 -8.31 17.66
N THR A 304 3.49 -8.78 16.78
CA THR A 304 2.09 -9.02 17.11
C THR A 304 1.46 -9.83 15.98
N ARG A 305 0.19 -10.19 16.18
CA ARG A 305 -0.62 -10.81 15.15
C ARG A 305 -1.90 -10.01 15.01
N MET A 306 -2.38 -9.89 13.77
CA MET A 306 -3.67 -9.27 13.55
C MET A 306 -4.78 -10.18 14.09
N THR A 307 -5.95 -9.58 14.32
CA THR A 307 -7.09 -10.34 14.82
C THR A 307 -7.47 -11.48 13.88
N SER A 308 -7.19 -11.33 12.59
CA SER A 308 -7.42 -12.38 11.62
C SER A 308 -6.52 -12.14 10.41
N GLY A 309 -6.17 -13.23 9.73
CA GLY A 309 -5.34 -13.11 8.55
C GLY A 309 -6.09 -12.50 7.38
N ARG A 310 -5.35 -11.74 6.57
CA ARG A 310 -5.93 -11.03 5.44
C ARG A 310 -4.83 -10.48 4.56
N SER A 311 -5.18 -10.17 3.32
CA SER A 311 -4.27 -9.57 2.35
C SER A 311 -4.91 -8.31 1.78
N GLY A 312 -4.11 -7.54 1.06
CA GLY A 312 -4.63 -6.37 0.36
C GLY A 312 -5.19 -5.28 1.26
N VAL A 313 -4.53 -5.03 2.39
CA VAL A 313 -4.99 -4.00 3.32
C VAL A 313 -4.37 -2.66 2.94
N GLY A 314 -4.99 -1.59 3.41
CA GLY A 314 -4.42 -0.25 3.36
C GLY A 314 -3.99 0.17 4.75
N VAL A 315 -2.74 0.62 4.86
CA VAL A 315 -2.10 0.86 6.15
C VAL A 315 -1.55 2.28 6.18
N ALA A 316 -1.74 2.96 7.32
CA ALA A 316 -1.18 4.28 7.55
C ALA A 316 -1.12 4.51 9.05
N VAL A 317 -0.44 5.59 9.43
CA VAL A 317 -0.18 5.91 10.84
C VAL A 317 -0.65 7.32 11.12
N THR A 318 -1.44 7.48 12.18
CA THR A 318 -1.86 8.81 12.65
C THR A 318 -2.23 8.69 14.12
N MET A 319 -2.77 9.76 14.69
CA MET A 319 -3.08 9.83 16.12
C MET A 319 -4.12 8.79 16.51
N GLU A 320 -4.12 8.43 17.79
CA GLU A 320 -5.09 7.47 18.28
C GLU A 320 -6.47 8.14 18.46
N PRO A 321 -7.54 7.37 18.33
CA PRO A 321 -8.89 7.96 18.33
C PRO A 321 -9.33 8.35 19.74
N CYS A 322 -9.58 9.64 19.94
CA CYS A 322 -10.17 10.19 21.17
C CYS A 322 -10.40 11.69 21.02
N LEU B 12 -7.51 -18.80 -8.61
CA LEU B 12 -6.95 -17.97 -7.54
C LEU B 12 -5.97 -16.93 -8.07
N ASP B 13 -6.06 -15.71 -7.57
CA ASP B 13 -5.03 -14.71 -7.80
C ASP B 13 -3.84 -15.04 -6.91
N GLU B 14 -2.75 -15.49 -7.52
CA GLU B 14 -1.61 -15.95 -6.73
C GLU B 14 -0.89 -14.80 -6.03
N GLU B 15 -1.11 -13.56 -6.46
CA GLU B 15 -0.47 -12.42 -5.79
C GLU B 15 -1.23 -11.99 -4.55
N THR B 16 -2.55 -12.14 -4.54
CA THR B 16 -3.39 -11.66 -3.45
C THR B 16 -4.14 -12.75 -2.72
N GLY B 17 -4.27 -13.95 -3.30
CA GLY B 17 -5.09 -15.00 -2.72
C GLY B 17 -6.57 -14.91 -3.01
N GLU B 18 -6.99 -13.95 -3.84
CA GLU B 18 -8.41 -13.74 -4.08
C GLU B 18 -8.94 -14.70 -5.14
N PHE B 19 -10.15 -15.20 -4.89
CA PHE B 19 -10.84 -16.04 -5.85
C PHE B 19 -11.52 -15.16 -6.90
N LEU B 20 -11.23 -15.42 -8.17
CA LEU B 20 -11.69 -14.56 -9.25
C LEU B 20 -13.13 -14.86 -9.68
N PRO B 21 -13.52 -16.13 -9.90
CA PRO B 21 -14.92 -16.34 -10.32
C PRO B 21 -15.93 -15.93 -9.27
#